data_2B94
#
_entry.id   2B94
#
_cell.length_a   98.377
_cell.length_b   98.377
_cell.length_c   160.080
_cell.angle_alpha   90.00
_cell.angle_beta   90.00
_cell.angle_gamma   120.00
#
_symmetry.space_group_name_H-M   'H 3 2'
#
loop_
_entity.id
_entity.type
_entity.pdbx_description
1 polymer 'purine nucleoside phosphorylase'
2 non-polymer THIOSULFATE
3 water water
#
_entity_poly.entity_id   1
_entity_poly.type   'polypeptide(L)'
_entity_poly.pdbx_seq_one_letter_code
;MGSTHHHHHHSSGRENLYFQGHMEEEMQRHIKLTPSQTTPVVLVVGDPGRVDKVKMLCDSYVDLAYNREYKSVECTYKGQ
KFLCVSHGVGSAGCAICFEELMNNGAKVIIRAGSCGSLQPTQMKRGDICICNAAVREDRVSHLMIYSDFPAVADFEVYDT
LNKVAQELEVPVFNGISLSSDLYYPHKIIPTRLEDYSKANVAVVEMEVATLMVMGTLRKVKTGGIFIVDGCPLKWDEGDF
DNNLVPEKLENMIKISLETCARLAKKY
;
_entity_poly.pdbx_strand_id   A
#
# COMPACT_ATOMS: atom_id res chain seq x y z
N ASN A 16 -27.37 7.89 -28.44
CA ASN A 16 -27.14 7.16 -29.73
C ASN A 16 -25.88 7.51 -30.53
N LEU A 17 -25.05 8.45 -30.06
CA LEU A 17 -23.93 8.94 -30.89
C LEU A 17 -22.59 8.25 -30.55
N TYR A 18 -22.22 7.28 -31.38
CA TYR A 18 -21.00 6.51 -31.20
C TYR A 18 -20.05 6.80 -32.35
N PHE A 19 -18.89 7.39 -32.06
CA PHE A 19 -17.93 7.69 -33.10
C PHE A 19 -16.87 6.60 -33.22
N GLN A 20 -16.51 6.28 -34.45
CA GLN A 20 -15.43 5.33 -34.72
C GLN A 20 -14.16 5.81 -34.02
N GLY A 21 -13.40 4.88 -33.45
CA GLY A 21 -12.21 5.21 -32.70
C GLY A 21 -12.44 5.85 -31.34
N HIS A 22 -13.71 5.96 -30.92
CA HIS A 22 -14.08 6.54 -29.63
C HIS A 22 -15.01 5.61 -28.84
N MET A 23 -14.92 4.32 -29.10
CA MET A 23 -15.80 3.32 -28.49
C MET A 23 -15.17 2.66 -27.27
N GLU A 24 -13.84 2.68 -27.20
CA GLU A 24 -13.12 2.13 -26.05
C GLU A 24 -12.49 3.26 -25.25
N GLU A 25 -12.40 3.05 -23.94
CA GLU A 25 -11.75 4.01 -23.04
C GLU A 25 -10.24 3.97 -23.20
N GLU A 26 -9.58 5.04 -22.79
CA GLU A 26 -8.13 5.08 -22.79
C GLU A 26 -7.62 4.07 -21.78
N MET A 27 -6.75 3.18 -22.24
CA MET A 27 -6.11 2.22 -21.36
C MET A 27 -4.80 2.81 -20.89
N GLN A 28 -4.50 2.67 -19.60
CA GLN A 28 -3.22 3.12 -19.08
C GLN A 28 -2.12 2.16 -19.51
N ARG A 29 -0.97 2.72 -19.87
CA ARG A 29 0.10 1.99 -20.58
C ARG A 29 0.61 0.72 -19.87
N HIS A 30 0.85 0.81 -18.56
CA HIS A 30 1.52 -0.28 -17.85
C HIS A 30 0.59 -1.26 -17.13
N ILE A 31 -0.37 -0.71 -16.38
CA ILE A 31 -1.30 -1.57 -15.65
C ILE A 31 -2.37 -2.11 -16.60
N LYS A 32 -2.50 -1.49 -17.77
CA LYS A 32 -3.38 -1.97 -18.83
C LYS A 32 -4.82 -2.01 -18.34
N LEU A 33 -5.24 -0.94 -17.68
CA LEU A 33 -6.62 -0.79 -17.19
C LEU A 33 -7.22 0.51 -17.65
N THR A 34 -8.55 0.47 -17.82
CA THR A 34 -9.33 1.64 -18.17
C THR A 34 -9.97 2.18 -16.90
N PRO A 35 -10.49 3.41 -16.95
CA PRO A 35 -11.22 3.96 -15.81
C PRO A 35 -12.39 3.09 -15.36
N SER A 36 -13.13 2.50 -16.30
CA SER A 36 -14.27 1.65 -15.94
C SER A 36 -13.83 0.42 -15.15
N GLN A 37 -12.61 -0.05 -15.42
CA GLN A 37 -12.05 -1.19 -14.70
C GLN A 37 -11.47 -0.81 -13.34
N THR A 38 -11.30 0.49 -13.10
CA THR A 38 -10.63 0.98 -11.91
C THR A 38 -11.65 1.38 -10.87
N THR A 39 -11.56 0.79 -9.69
CA THR A 39 -12.47 1.09 -8.60
C THR A 39 -11.99 2.32 -7.83
N PRO A 40 -12.90 3.02 -7.13
CA PRO A 40 -12.54 4.15 -6.26
C PRO A 40 -11.49 3.82 -5.21
N VAL A 41 -11.53 2.59 -4.68
CA VAL A 41 -10.58 2.16 -3.66
C VAL A 41 -9.69 1.08 -4.23
N VAL A 42 -8.38 1.16 -3.94
CA VAL A 42 -7.42 0.17 -4.45
C VAL A 42 -6.47 -0.26 -3.34
N LEU A 43 -6.27 -1.58 -3.22
CA LEU A 43 -5.28 -2.15 -2.33
C LEU A 43 -4.04 -2.54 -3.12
N VAL A 44 -2.88 -1.97 -2.78
CA VAL A 44 -1.65 -2.34 -3.45
C VAL A 44 -0.83 -3.23 -2.51
N VAL A 45 -0.40 -4.38 -3.03
CA VAL A 45 0.47 -5.30 -2.28
C VAL A 45 1.78 -5.50 -3.02
N GLY A 46 2.72 -6.21 -2.41
CA GLY A 46 4.10 -6.22 -2.88
C GLY A 46 4.47 -7.19 -3.99
N ASP A 47 3.73 -8.28 -4.16
CA ASP A 47 4.03 -9.20 -5.25
C ASP A 47 2.82 -10.01 -5.69
N PRO A 48 2.88 -10.59 -6.91
CA PRO A 48 1.75 -11.32 -7.47
C PRO A 48 1.27 -12.47 -6.58
N GLY A 49 2.18 -13.12 -5.88
CA GLY A 49 1.82 -14.19 -4.97
C GLY A 49 0.93 -13.69 -3.85
N ARG A 50 1.24 -12.51 -3.33
CA ARG A 50 0.45 -11.91 -2.26
C ARG A 50 -0.93 -11.49 -2.76
N VAL A 51 -1.02 -11.02 -4.00
CA VAL A 51 -2.32 -10.76 -4.62
C VAL A 51 -3.16 -12.04 -4.59
N ASP A 52 -2.53 -13.17 -4.92
CA ASP A 52 -3.20 -14.48 -4.87
C ASP A 52 -3.69 -14.81 -3.46
N LYS A 53 -2.85 -14.58 -2.47
CA LYS A 53 -3.23 -14.80 -1.07
C LYS A 53 -4.44 -13.94 -0.68
N VAL A 54 -4.41 -12.68 -1.07
CA VAL A 54 -5.49 -11.74 -0.76
C VAL A 54 -6.81 -12.14 -1.44
N LYS A 55 -6.75 -12.45 -2.73
CA LYS A 55 -7.97 -12.74 -3.50
C LYS A 55 -8.69 -13.99 -2.99
N MET A 56 -7.93 -14.97 -2.51
CA MET A 56 -8.51 -16.19 -1.94
C MET A 56 -9.17 -15.97 -0.56
N LEU A 57 -8.85 -14.85 0.10
CA LEU A 57 -9.53 -14.46 1.33
C LEU A 57 -10.76 -13.60 1.06
N CYS A 58 -10.99 -13.23 -0.20
CA CYS A 58 -12.15 -12.44 -0.56
C CYS A 58 -13.36 -13.33 -0.82
N ASP A 59 -14.53 -12.70 -0.93
CA ASP A 59 -15.77 -13.43 -1.22
C ASP A 59 -15.71 -14.02 -2.63
N SER A 60 -15.21 -13.22 -3.56
CA SER A 60 -14.96 -13.68 -4.92
C SER A 60 -13.98 -12.70 -5.58
N TYR A 61 -13.46 -13.07 -6.75
CA TYR A 61 -12.58 -12.18 -7.48
C TYR A 61 -12.65 -12.40 -8.99
N VAL A 62 -12.22 -11.38 -9.74
CA VAL A 62 -12.15 -11.43 -11.20
C VAL A 62 -10.74 -11.03 -11.64
N ASP A 63 -10.00 -11.94 -12.27
CA ASP A 63 -8.66 -11.62 -12.80
C ASP A 63 -8.79 -10.66 -13.98
N LEU A 64 -8.07 -9.55 -13.93
CA LEU A 64 -8.03 -8.57 -15.02
C LEU A 64 -6.72 -8.70 -15.80
N ALA A 65 -6.61 -9.73 -16.62
CA ALA A 65 -5.36 -9.98 -17.38
C ALA A 65 -5.25 -9.06 -18.57
N GLU A 69 3.63 -8.12 -16.31
CA GLU A 69 4.36 -6.96 -15.81
C GLU A 69 3.69 -6.32 -14.59
N TYR A 70 2.36 -6.27 -14.59
CA TYR A 70 1.59 -5.71 -13.47
C TYR A 70 0.33 -6.53 -13.29
N LYS A 71 0.10 -7.02 -12.08
CA LYS A 71 -1.00 -7.93 -11.78
C LYS A 71 -2.15 -7.18 -11.13
N SER A 72 -3.35 -7.38 -11.67
CA SER A 72 -4.56 -6.69 -11.21
C SER A 72 -5.71 -7.69 -11.10
N VAL A 73 -6.44 -7.61 -9.99
CA VAL A 73 -7.63 -8.44 -9.74
C VAL A 73 -8.69 -7.54 -9.13
N GLU A 74 -9.96 -7.73 -9.51
CA GLU A 74 -11.06 -7.03 -8.86
C GLU A 74 -11.56 -7.91 -7.73
N CYS A 75 -11.39 -7.44 -6.49
CA CYS A 75 -11.88 -8.17 -5.33
C CYS A 75 -13.30 -7.76 -4.95
N THR A 76 -14.09 -8.74 -4.52
CA THR A 76 -15.38 -8.49 -3.87
C THR A 76 -15.28 -9.01 -2.46
N TYR A 77 -15.52 -8.13 -1.49
CA TYR A 77 -15.43 -8.47 -0.08
C TYR A 77 -16.52 -7.70 0.66
N LYS A 78 -17.36 -8.43 1.40
CA LYS A 78 -18.49 -7.83 2.09
C LYS A 78 -19.35 -6.94 1.18
N GLY A 79 -19.58 -7.42 -0.05
CA GLY A 79 -20.42 -6.73 -1.01
C GLY A 79 -19.79 -5.60 -1.81
N GLN A 80 -18.55 -5.25 -1.52
CA GLN A 80 -17.91 -4.08 -2.17
C GLN A 80 -16.80 -4.52 -3.12
N LYS A 81 -16.67 -3.79 -4.22
CA LYS A 81 -15.65 -4.07 -5.23
C LYS A 81 -14.47 -3.10 -5.07
N PHE A 82 -13.27 -3.67 -5.03
CA PHE A 82 -12.04 -2.89 -5.06
C PHE A 82 -10.94 -3.72 -5.70
N LEU A 83 -9.98 -3.05 -6.32
CA LEU A 83 -8.87 -3.74 -6.94
C LEU A 83 -7.81 -4.12 -5.94
N CYS A 84 -7.11 -5.20 -6.24
CA CYS A 84 -5.85 -5.54 -5.60
C CYS A 84 -4.79 -5.64 -6.69
N VAL A 85 -3.72 -4.87 -6.53
CA VAL A 85 -2.73 -4.68 -7.58
C VAL A 85 -1.33 -4.93 -7.01
N SER A 86 -0.45 -5.50 -7.82
CA SER A 86 0.99 -5.51 -7.52
C SER A 86 1.81 -5.39 -8.80
N HIS A 87 3.11 -5.14 -8.63
CA HIS A 87 4.02 -5.16 -9.76
C HIS A 87 4.40 -6.61 -10.05
N GLY A 88 4.83 -6.87 -11.27
CA GLY A 88 5.25 -8.21 -11.69
C GLY A 88 6.74 -8.25 -11.94
N VAL A 89 7.15 -9.29 -12.67
CA VAL A 89 8.55 -9.41 -13.08
C VAL A 89 8.91 -8.24 -13.98
N GLY A 90 10.09 -7.65 -13.75
CA GLY A 90 10.61 -6.56 -14.58
C GLY A 90 10.57 -5.15 -14.00
N SER A 91 10.01 -5.00 -12.79
CA SER A 91 9.94 -3.70 -12.13
C SER A 91 10.29 -3.79 -10.66
N ALA A 92 10.64 -2.65 -10.06
CA ALA A 92 11.14 -2.61 -8.68
C ALA A 92 10.09 -2.18 -7.65
N GLY A 93 8.97 -1.63 -8.10
CA GLY A 93 7.94 -1.12 -7.19
C GLY A 93 6.68 -0.76 -7.97
N CYS A 94 5.83 0.08 -7.40
CA CYS A 94 4.55 0.41 -8.02
C CYS A 94 4.27 1.91 -8.17
N ALA A 95 5.31 2.75 -8.21
CA ALA A 95 5.13 4.17 -8.45
C ALA A 95 4.29 4.42 -9.71
N ILE A 96 4.63 3.72 -10.79
CA ILE A 96 3.86 3.83 -12.05
C ILE A 96 2.41 3.38 -11.86
N CYS A 97 2.21 2.33 -11.05
CA CYS A 97 0.87 1.85 -10.70
C CYS A 97 0.08 2.95 -10.03
N PHE A 98 0.68 3.61 -9.04
CA PHE A 98 0.02 4.71 -8.31
C PHE A 98 -0.40 5.78 -9.29
N GLU A 99 0.51 6.16 -10.18
CA GLU A 99 0.26 7.21 -11.16
C GLU A 99 -0.94 6.87 -12.06
N GLU A 100 -0.93 5.65 -12.59
CA GLU A 100 -1.95 5.23 -13.56
C GLU A 100 -3.30 4.97 -12.88
N LEU A 101 -3.28 4.45 -11.66
CA LEU A 101 -4.51 4.27 -10.88
C LEU A 101 -5.16 5.61 -10.63
N MET A 102 -4.36 6.61 -10.25
CA MET A 102 -4.88 7.95 -10.02
C MET A 102 -5.36 8.58 -11.34
N ASN A 103 -4.63 8.36 -12.44
CA ASN A 103 -5.09 8.79 -13.76
C ASN A 103 -6.49 8.24 -14.06
N ASN A 104 -6.73 6.99 -13.69
CA ASN A 104 -8.03 6.32 -13.89
C ASN A 104 -9.11 6.66 -12.86
N GLY A 105 -8.82 7.59 -11.94
CA GLY A 105 -9.81 8.10 -11.00
C GLY A 105 -9.88 7.45 -9.64
N ALA A 106 -8.89 6.65 -9.28
CA ALA A 106 -8.84 6.08 -7.94
C ALA A 106 -8.85 7.20 -6.89
N LYS A 107 -9.63 6.99 -5.82
CA LYS A 107 -9.84 7.99 -4.77
C LYS A 107 -9.11 7.68 -3.47
N VAL A 108 -8.85 6.38 -3.25
CA VAL A 108 -8.20 5.87 -2.05
C VAL A 108 -7.24 4.78 -2.48
N ILE A 109 -5.98 4.88 -2.08
CA ILE A 109 -5.04 3.78 -2.34
C ILE A 109 -4.34 3.43 -1.03
N ILE A 110 -4.38 2.14 -0.67
CA ILE A 110 -3.74 1.67 0.56
C ILE A 110 -2.66 0.68 0.17
N ARG A 111 -1.46 0.90 0.71
CA ARG A 111 -0.34 0.00 0.52
C ARG A 111 -0.26 -0.93 1.72
N ALA A 112 -0.30 -2.24 1.48
CA ALA A 112 -0.14 -3.23 2.53
C ALA A 112 1.04 -4.12 2.22
N GLY A 113 1.85 -4.42 3.23
CA GLY A 113 3.00 -5.28 3.00
C GLY A 113 3.82 -5.58 4.23
N SER A 114 5.09 -5.91 4.00
CA SER A 114 6.02 -6.24 5.08
C SER A 114 6.80 -5.02 5.47
N CYS A 115 7.34 -5.05 6.68
CA CYS A 115 8.26 -4.04 7.14
C CYS A 115 9.26 -4.66 8.11
N GLY A 116 10.34 -3.94 8.39
CA GLY A 116 11.33 -4.32 9.39
C GLY A 116 11.15 -3.42 10.58
N SER A 117 11.21 -3.99 11.79
CA SER A 117 11.04 -3.20 13.00
C SER A 117 12.32 -2.45 13.36
N LEU A 118 12.20 -1.16 13.65
CA LEU A 118 13.30 -0.37 14.15
C LEU A 118 13.18 -0.13 15.66
N GLN A 119 12.24 -0.80 16.31
CA GLN A 119 12.04 -0.66 17.76
C GLN A 119 11.90 -2.07 18.36
N PRO A 120 13.02 -2.79 18.48
CA PRO A 120 13.06 -4.20 18.91
C PRO A 120 12.34 -4.50 20.23
N THR A 121 12.35 -3.56 21.15
CA THR A 121 11.73 -3.78 22.47
C THR A 121 10.24 -3.48 22.50
N GLN A 122 9.71 -2.94 21.41
CA GLN A 122 8.29 -2.62 21.31
C GLN A 122 7.56 -3.42 20.23
N MET A 123 8.24 -3.69 19.12
CA MET A 123 7.64 -4.39 17.98
C MET A 123 8.52 -5.53 17.55
N LYS A 124 7.95 -6.73 17.52
CA LYS A 124 8.66 -7.93 17.11
C LYS A 124 7.99 -8.54 15.90
N ARG A 125 8.63 -9.57 15.35
CA ARG A 125 8.13 -10.27 14.18
C ARG A 125 6.65 -10.63 14.33
N GLY A 126 5.87 -10.34 13.28
CA GLY A 126 4.43 -10.61 13.27
C GLY A 126 3.55 -9.48 13.74
N ASP A 127 4.11 -8.51 14.46
CA ASP A 127 3.34 -7.34 14.90
C ASP A 127 2.95 -6.49 13.70
N ILE A 128 1.90 -5.69 13.85
CA ILE A 128 1.33 -4.91 12.75
C ILE A 128 1.43 -3.41 13.04
N CYS A 129 1.92 -2.66 12.07
CA CYS A 129 2.06 -1.20 12.19
C CYS A 129 1.21 -0.50 11.14
N ILE A 130 0.41 0.46 11.59
CA ILE A 130 -0.37 1.33 10.72
C ILE A 130 0.30 2.69 10.82
N CYS A 131 0.84 3.20 9.71
CA CYS A 131 1.69 4.39 9.82
C CYS A 131 0.99 5.68 9.43
N ASN A 132 1.28 6.76 10.15
CA ASN A 132 0.66 8.05 9.88
C ASN A 132 1.49 8.95 8.95
N ALA A 133 2.77 8.65 8.82
CA ALA A 133 3.70 9.44 8.00
C ALA A 133 4.92 8.60 7.69
N ALA A 134 5.79 9.11 6.81
CA ALA A 134 6.99 8.37 6.40
C ALA A 134 8.21 9.25 6.16
N VAL A 135 9.39 8.70 6.46
CA VAL A 135 10.63 9.30 6.08
C VAL A 135 10.81 9.00 4.59
N ARG A 136 11.09 10.05 3.82
CA ARG A 136 11.28 9.98 2.37
C ARG A 136 12.71 9.60 1.95
N GLU A 137 13.11 8.35 2.17
CA GLU A 137 14.34 7.82 1.56
C GLU A 137 14.03 6.95 0.33
N ASP A 138 12.96 7.33 -0.38
CA ASP A 138 12.36 6.51 -1.44
C ASP A 138 12.73 6.83 -2.90
N ARG A 139 13.52 7.86 -3.14
CA ARG A 139 13.91 8.26 -4.52
C ARG A 139 12.82 8.98 -5.31
N VAL A 140 11.72 8.28 -5.60
CA VAL A 140 10.69 8.81 -6.50
C VAL A 140 10.02 10.11 -5.99
N SER A 141 9.74 10.21 -4.69
CA SER A 141 9.03 11.39 -4.18
C SER A 141 9.82 12.67 -4.42
N HIS A 142 11.15 12.57 -4.42
CA HIS A 142 12.00 13.74 -4.60
C HIS A 142 11.96 14.29 -6.01
N LEU A 143 11.47 13.49 -6.96
CA LEU A 143 11.28 13.95 -8.32
C LEU A 143 10.01 14.79 -8.42
N MET A 144 9.11 14.62 -7.46
CA MET A 144 7.82 15.30 -7.43
C MET A 144 7.86 16.59 -6.65
N ILE A 145 8.58 16.62 -5.54
CA ILE A 145 8.52 17.80 -4.68
C ILE A 145 9.75 17.83 -3.79
N TYR A 146 10.10 19.03 -3.35
CA TYR A 146 11.25 19.28 -2.50
C TYR A 146 11.22 18.40 -1.25
N SER A 147 12.41 18.12 -0.70
CA SER A 147 12.55 17.21 0.44
C SER A 147 11.84 17.65 1.72
N ASP A 148 11.66 18.95 1.89
CA ASP A 148 11.04 19.53 3.10
C ASP A 148 9.54 19.18 3.24
N PHE A 149 8.90 18.77 2.16
CA PHE A 149 7.47 18.46 2.11
C PHE A 149 7.23 17.13 2.84
N PRO A 150 6.18 17.08 3.69
CA PRO A 150 5.98 15.85 4.47
C PRO A 150 5.29 14.72 3.70
N ALA A 151 5.81 13.51 3.85
CA ALA A 151 5.07 12.30 3.49
C ALA A 151 4.12 11.93 4.63
N VAL A 152 2.82 12.14 4.41
CA VAL A 152 1.83 11.93 5.45
C VAL A 152 0.59 11.20 4.89
N ALA A 153 0.05 10.28 5.69
CA ALA A 153 -1.17 9.53 5.32
C ALA A 153 -2.37 10.45 5.38
N ASP A 154 -3.43 10.08 4.69
CA ASP A 154 -4.74 10.69 4.90
C ASP A 154 -5.25 10.27 6.28
N PHE A 155 -5.71 11.23 7.06
CA PHE A 155 -6.18 10.93 8.43
C PHE A 155 -7.34 9.95 8.48
N GLU A 156 -8.29 10.06 7.54
CA GLU A 156 -9.46 9.18 7.51
C GLU A 156 -9.06 7.74 7.22
N VAL A 157 -8.13 7.55 6.29
CA VAL A 157 -7.64 6.21 5.99
C VAL A 157 -6.93 5.65 7.22
N TYR A 158 -6.02 6.44 7.78
CA TYR A 158 -5.28 6.04 8.96
C TYR A 158 -6.24 5.66 10.11
N ASP A 159 -7.20 6.54 10.37
CA ASP A 159 -8.20 6.33 11.42
C ASP A 159 -9.06 5.09 11.16
N THR A 160 -9.45 4.89 9.91
CA THR A 160 -10.30 3.74 9.56
C THR A 160 -9.54 2.43 9.78
N LEU A 161 -8.29 2.37 9.33
CA LEU A 161 -7.45 1.18 9.54
C LEU A 161 -7.37 0.84 11.04
N ASN A 162 -7.16 1.86 11.86
CA ASN A 162 -7.07 1.67 13.33
C ASN A 162 -8.40 1.21 13.95
N LYS A 163 -9.49 1.84 13.53
CA LYS A 163 -10.85 1.48 13.96
C LYS A 163 -11.19 0.04 13.59
N VAL A 164 -10.89 -0.35 12.35
CA VAL A 164 -11.10 -1.73 11.90
C VAL A 164 -10.31 -2.74 12.74
N ALA A 165 -9.05 -2.45 13.02
CA ALA A 165 -8.22 -3.35 13.84
C ALA A 165 -8.81 -3.51 15.25
N GLN A 166 -9.28 -2.40 15.81
CA GLN A 166 -9.88 -2.37 17.13
C GLN A 166 -11.12 -3.28 17.15
N GLU A 167 -11.95 -3.14 16.12
CA GLU A 167 -13.15 -3.95 15.99
C GLU A 167 -12.85 -5.42 15.80
N LEU A 168 -11.78 -5.73 15.05
CA LEU A 168 -11.34 -7.12 14.88
C LEU A 168 -10.54 -7.65 16.07
N GLU A 169 -10.29 -6.78 17.04
CA GLU A 169 -9.51 -7.14 18.23
C GLU A 169 -8.11 -7.62 17.84
N VAL A 170 -7.52 -6.94 16.86
CA VAL A 170 -6.15 -7.17 16.45
C VAL A 170 -5.31 -6.02 16.99
N PRO A 171 -4.31 -6.32 17.84
CA PRO A 171 -3.46 -5.25 18.36
C PRO A 171 -2.53 -4.72 17.27
N VAL A 172 -2.32 -3.41 17.26
CA VAL A 172 -1.43 -2.77 16.29
C VAL A 172 -0.59 -1.69 16.94
N PHE A 173 0.44 -1.27 16.22
CA PHE A 173 1.26 -0.14 16.63
C PHE A 173 1.04 0.96 15.62
N ASN A 174 1.24 2.20 16.05
CA ASN A 174 1.16 3.35 15.16
C ASN A 174 2.46 4.12 15.22
N GLY A 175 2.95 4.57 14.08
CA GLY A 175 4.17 5.34 14.06
C GLY A 175 4.59 5.73 12.66
N ILE A 176 5.74 6.36 12.57
CA ILE A 176 6.31 6.77 11.30
C ILE A 176 7.08 5.60 10.69
N SER A 177 6.99 5.47 9.36
CA SER A 177 7.76 4.48 8.63
C SER A 177 8.93 5.12 7.85
N LEU A 178 10.02 4.39 7.67
CA LEU A 178 11.08 4.80 6.75
C LEU A 178 10.83 4.09 5.42
N SER A 179 10.57 4.88 4.39
CA SER A 179 10.43 4.32 3.04
C SER A 179 11.81 4.33 2.41
N SER A 180 12.36 3.14 2.15
CA SER A 180 13.74 3.04 1.68
C SER A 180 13.83 2.46 0.28
N ASP A 181 14.57 3.15 -0.58
CA ASP A 181 14.90 2.62 -1.89
C ASP A 181 16.05 1.60 -1.84
N LEU A 182 16.55 1.26 -0.65
CA LEU A 182 17.69 0.36 -0.51
C LEU A 182 17.36 -0.98 0.15
N TYR A 183 16.57 -0.93 1.21
CA TYR A 183 16.43 -2.08 2.10
C TYR A 183 15.76 -3.28 1.42
N TYR A 184 14.50 -3.14 1.03
CA TYR A 184 13.82 -4.21 0.32
C TYR A 184 14.29 -4.35 -1.15
N PRO A 185 14.40 -3.23 -1.88
CA PRO A 185 14.81 -3.39 -3.29
C PRO A 185 16.20 -4.01 -3.53
N HIS A 186 17.20 -3.64 -2.72
CA HIS A 186 18.58 -4.00 -2.98
C HIS A 186 19.23 -4.83 -1.84
N LYS A 187 18.49 -5.11 -0.76
CA LYS A 187 19.02 -5.81 0.43
C LYS A 187 20.19 -5.04 1.07
N ILE A 188 20.08 -3.72 1.05
CA ILE A 188 21.13 -2.84 1.57
C ILE A 188 20.60 -2.13 2.82
N ILE A 189 21.42 -2.08 3.85
CA ILE A 189 21.05 -1.40 5.09
C ILE A 189 21.34 0.09 4.94
N PRO A 190 20.30 0.95 4.97
CA PRO A 190 20.59 2.38 4.92
C PRO A 190 21.50 2.85 6.06
N THR A 191 22.47 3.70 5.74
CA THR A 191 23.40 4.30 6.70
C THR A 191 22.71 5.01 7.88
N ARG A 192 21.57 5.65 7.62
CA ARG A 192 20.84 6.39 8.66
C ARG A 192 19.83 5.55 9.46
N LEU A 193 19.83 4.24 9.27
CA LEU A 193 18.81 3.38 9.88
C LEU A 193 18.85 3.49 11.40
N GLU A 194 20.03 3.41 11.99
CA GLU A 194 20.16 3.56 13.44
C GLU A 194 19.73 4.94 13.94
N ASP A 195 20.16 6.00 13.24
CA ASP A 195 19.72 7.36 13.57
C ASP A 195 18.19 7.49 13.59
N TYR A 196 17.54 6.92 12.57
CA TYR A 196 16.09 7.00 12.50
C TYR A 196 15.41 6.21 13.61
N SER A 197 15.99 5.07 13.98
CA SER A 197 15.49 4.32 15.14
C SER A 197 15.49 5.19 16.41
N LYS A 198 16.59 5.88 16.64
CA LYS A 198 16.72 6.81 17.77
C LYS A 198 15.77 8.00 17.68
N ALA A 199 15.37 8.36 16.46
CA ALA A 199 14.42 9.46 16.21
C ALA A 199 12.96 9.00 16.28
N ASN A 200 12.75 7.79 16.79
CA ASN A 200 11.44 7.20 17.02
C ASN A 200 10.69 6.76 15.77
N VAL A 201 11.41 6.54 14.69
CA VAL A 201 10.83 5.90 13.52
C VAL A 201 10.53 4.45 13.87
N ALA A 202 9.31 4.01 13.57
CA ALA A 202 8.82 2.71 14.03
C ALA A 202 9.36 1.55 13.21
N VAL A 203 9.22 1.65 11.88
CA VAL A 203 9.51 0.55 10.96
C VAL A 203 10.17 1.05 9.68
N VAL A 204 10.69 0.11 8.89
CA VAL A 204 11.24 0.37 7.56
C VAL A 204 10.48 -0.45 6.50
N GLU A 205 9.99 0.22 5.46
CA GLU A 205 9.37 -0.47 4.34
C GLU A 205 9.88 0.14 3.02
N MET A 206 9.14 0.02 1.93
CA MET A 206 9.71 0.39 0.64
C MET A 206 9.23 1.71 0.04
N GLU A 207 7.92 1.83 -0.18
CA GLU A 207 7.42 2.90 -1.05
C GLU A 207 6.21 3.65 -0.51
N VAL A 208 5.85 3.47 0.75
CA VAL A 208 4.69 4.18 1.24
C VAL A 208 4.86 5.69 1.15
N ALA A 209 6.09 6.20 1.30
CA ALA A 209 6.31 7.65 1.18
C ALA A 209 5.99 8.16 -0.23
N THR A 210 6.35 7.37 -1.24
CA THR A 210 6.03 7.67 -2.63
C THR A 210 4.52 7.83 -2.79
N LEU A 211 3.78 6.83 -2.33
CA LEU A 211 2.31 6.87 -2.38
C LEU A 211 1.72 8.10 -1.62
N MET A 212 2.19 8.34 -0.39
CA MET A 212 1.70 9.44 0.41
C MET A 212 1.87 10.77 -0.31
N VAL A 213 3.08 11.03 -0.81
CA VAL A 213 3.37 12.30 -1.44
C VAL A 213 2.54 12.47 -2.69
N MET A 214 2.49 11.45 -3.54
CA MET A 214 1.70 11.54 -4.78
C MET A 214 0.22 11.78 -4.49
N GLY A 215 -0.27 11.07 -3.47
CA GLY A 215 -1.62 11.25 -2.95
C GLY A 215 -1.92 12.68 -2.56
N THR A 216 -1.06 13.29 -1.76
CA THR A 216 -1.25 14.69 -1.38
C THR A 216 -1.26 15.62 -2.58
N LEU A 217 -0.32 15.40 -3.49
CA LEU A 217 -0.15 16.24 -4.68
C LEU A 217 -1.35 16.10 -5.61
N ARG A 218 -1.94 14.92 -5.63
CA ARG A 218 -3.04 14.65 -6.57
C ARG A 218 -4.43 14.55 -5.91
N LYS A 219 -4.50 14.90 -4.63
CA LYS A 219 -5.73 14.85 -3.83
C LYS A 219 -6.37 13.45 -3.81
N VAL A 220 -5.54 12.45 -3.57
CA VAL A 220 -5.98 11.06 -3.45
C VAL A 220 -5.63 10.63 -2.04
N LYS A 221 -6.55 9.94 -1.38
CA LYS A 221 -6.36 9.53 0.01
C LYS A 221 -5.52 8.26 0.10
N THR A 222 -4.50 8.28 0.96
CA THR A 222 -3.62 7.12 1.08
C THR A 222 -3.40 6.71 2.53
N GLY A 223 -2.90 5.49 2.66
CA GLY A 223 -2.51 4.94 3.93
C GLY A 223 -1.65 3.72 3.74
N GLY A 224 -1.15 3.20 4.85
CA GLY A 224 -0.27 2.06 4.83
C GLY A 224 -0.47 1.17 6.05
N ILE A 225 -0.30 -0.12 5.84
CA ILE A 225 -0.33 -1.09 6.92
C ILE A 225 0.68 -2.18 6.62
N PHE A 226 1.49 -2.50 7.63
CA PHE A 226 2.63 -3.37 7.43
C PHE A 226 2.77 -4.37 8.57
N ILE A 227 3.23 -5.56 8.23
CA ILE A 227 3.53 -6.60 9.21
C ILE A 227 5.04 -6.75 9.34
N VAL A 228 5.52 -6.80 10.58
CA VAL A 228 6.95 -6.93 10.84
C VAL A 228 7.45 -8.32 10.42
N ASP A 229 8.41 -8.33 9.50
CA ASP A 229 9.01 -9.57 9.01
C ASP A 229 10.40 -9.82 9.58
N GLY A 230 10.91 -8.86 10.34
CA GLY A 230 12.28 -8.90 10.83
C GLY A 230 12.67 -7.67 11.62
N CYS A 231 13.82 -7.73 12.28
CA CYS A 231 14.37 -6.61 13.03
C CYS A 231 15.76 -6.35 12.46
N PRO A 232 15.87 -5.43 11.49
CA PRO A 232 17.14 -5.25 10.77
C PRO A 232 18.34 -4.86 11.62
N LEU A 233 18.12 -4.13 12.71
CA LEU A 233 19.24 -3.66 13.52
C LEU A 233 19.72 -4.71 14.52
N LYS A 234 19.01 -5.84 14.62
CA LYS A 234 19.49 -7.01 15.35
C LYS A 234 20.25 -7.97 14.42
N TRP A 235 20.26 -7.66 13.12
CA TRP A 235 20.99 -8.44 12.10
C TRP A 235 20.51 -9.89 12.01
N ASN A 243 9.49 -15.70 6.13
CA ASN A 243 8.55 -16.52 6.90
C ASN A 243 7.84 -15.71 7.99
N LEU A 244 6.57 -15.45 7.78
CA LEU A 244 5.71 -14.78 8.76
C LEU A 244 4.81 -15.78 9.47
N VAL A 245 4.26 -15.38 10.62
CA VAL A 245 3.27 -16.18 11.32
C VAL A 245 1.96 -16.12 10.52
N PRO A 246 1.48 -17.27 10.02
CA PRO A 246 0.26 -17.34 9.20
C PRO A 246 -0.93 -16.56 9.75
N GLU A 247 -1.22 -16.71 11.04
CA GLU A 247 -2.39 -16.07 11.63
C GLU A 247 -2.23 -14.55 11.66
N LYS A 248 -1.04 -14.10 12.04
CA LYS A 248 -0.70 -12.68 12.10
C LYS A 248 -0.78 -12.02 10.72
N LEU A 249 -0.20 -12.66 9.71
CA LEU A 249 -0.34 -12.17 8.33
C LEU A 249 -1.80 -12.11 7.88
N GLU A 250 -2.56 -13.14 8.20
CA GLU A 250 -4.00 -13.17 7.86
C GLU A 250 -4.75 -12.01 8.49
N ASN A 251 -4.41 -11.70 9.74
CA ASN A 251 -5.00 -10.56 10.46
C ASN A 251 -4.73 -9.25 9.74
N MET A 252 -3.48 -9.03 9.35
CA MET A 252 -3.11 -7.79 8.63
C MET A 252 -3.90 -7.69 7.33
N ILE A 253 -3.98 -8.78 6.59
CA ILE A 253 -4.78 -8.81 5.36
C ILE A 253 -6.27 -8.54 5.64
N LYS A 254 -6.82 -9.17 6.68
CA LYS A 254 -8.24 -8.95 7.00
C LYS A 254 -8.51 -7.49 7.33
N ILE A 255 -7.62 -6.84 8.07
CA ILE A 255 -7.75 -5.41 8.37
C ILE A 255 -7.79 -4.62 7.05
N SER A 256 -6.86 -4.94 6.15
CA SER A 256 -6.79 -4.28 4.84
C SER A 256 -8.08 -4.43 4.05
N LEU A 257 -8.57 -5.67 3.98
CA LEU A 257 -9.79 -5.97 3.22
C LEU A 257 -11.01 -5.31 3.82
N GLU A 258 -11.19 -5.44 5.14
CA GLU A 258 -12.30 -4.80 5.84
C GLU A 258 -12.26 -3.28 5.67
N THR A 259 -11.07 -2.68 5.82
CA THR A 259 -10.92 -1.24 5.61
C THR A 259 -11.27 -0.83 4.18
N CYS A 260 -10.77 -1.57 3.20
CA CYS A 260 -11.09 -1.27 1.81
C CYS A 260 -12.59 -1.32 1.57
N ALA A 261 -13.24 -2.35 2.11
CA ALA A 261 -14.71 -2.50 1.99
C ALA A 261 -15.43 -1.30 2.57
N ARG A 262 -15.05 -0.86 3.77
CA ARG A 262 -15.70 0.27 4.42
C ARG A 262 -15.56 1.55 3.64
N LEU A 263 -14.36 1.81 3.13
CA LEU A 263 -14.11 3.02 2.35
C LEU A 263 -14.83 2.98 1.02
N ALA A 264 -14.87 1.80 0.41
CA ALA A 264 -15.56 1.60 -0.86
C ALA A 264 -17.03 1.99 -0.79
N LYS A 265 -17.67 1.77 0.35
CA LYS A 265 -19.08 2.17 0.54
C LYS A 265 -19.28 3.67 0.37
N LYS A 266 -18.27 4.47 0.73
CA LYS A 266 -18.36 5.93 0.61
C LYS A 266 -18.49 6.44 -0.83
N TYR A 267 -18.20 5.60 -1.83
CA TYR A 267 -18.16 6.04 -3.24
C TYR A 267 -19.20 5.36 -4.13
#